data_1NNF
#
_entry.id   1NNF
#
_cell.length_a   105.101
_cell.length_b   75.344
_cell.length_c   33.503
_cell.angle_alpha   90.00
_cell.angle_beta   90.00
_cell.angle_gamma   90.00
#
_symmetry.space_group_name_H-M   'P 21 21 2'
#
loop_
_entity.id
_entity.type
_entity.pdbx_description
1 polymer 'Iron-utilization periplasmic protein'
2 non-polymer 'FE (III) ION'
3 non-polymer '{[-(BIS-CARBOXYMETHYL-AMINO)-ETHYL]-CARBOXYMETHYL-AMINO}-ACETIC ACID'
4 water water
#
_entity_poly.entity_id   1
_entity_poly.type   'polypeptide(L)'
_entity_poly.pdbx_seq_one_letter_code
;DITVYNGQQKEAATAVAKAFEQETGIKVTLNSGKSEQLAGQLKEEGDKTPADVFYTEQTATFADLSEAGLLAPISEQTIQ
QTAQKGVPLAPKKDWIALSGRSRVVVYDHTKLSEKDMEKSVLDYATPKWKGKIGYVSTSGAFLEQVVALSKMKGDKVALN
WLKGLKENGKLYAKNSVALQAVENGEVPAALINNYYWYNLAKEKGVENLKSRLYFVRHQDPGALVSYSGAAVLKASKNQA
EAQKFVDFLASKKGQEALVAARAEYPLRADVVSPFNLEPYEKLEAPVVSATTAQDKEHAIKLIEEAGLK
;
_entity_poly.pdbx_strand_id   A
#
# COMPACT_ATOMS: atom_id res chain seq x y z
N ASP A 1 6.10 23.40 -16.10
CA ASP A 1 6.35 21.94 -16.06
C ASP A 1 7.06 21.56 -14.77
N ILE A 2 6.87 20.33 -14.31
CA ILE A 2 7.42 19.89 -13.05
C ILE A 2 8.14 18.57 -13.18
N THR A 3 9.00 18.33 -12.21
CA THR A 3 9.73 17.08 -12.08
C THR A 3 9.22 16.37 -10.84
N VAL A 4 8.85 15.11 -11.02
CA VAL A 4 8.29 14.30 -9.97
C VAL A 4 9.18 13.11 -9.75
N TYR A 5 9.77 13.01 -8.57
CA TYR A 5 10.44 11.78 -8.17
C TYR A 5 9.37 10.77 -7.82
N ASN A 6 9.41 9.62 -8.46
CA ASN A 6 8.32 8.68 -8.43
C ASN A 6 8.74 7.32 -7.91
N GLY A 7 8.28 6.97 -6.71
CA GLY A 7 8.46 5.65 -6.15
C GLY A 7 7.31 4.70 -6.38
N GLN A 8 6.21 5.21 -6.93
CA GLN A 8 5.04 4.41 -7.22
C GLN A 8 5.24 3.61 -8.52
N GLN A 9 4.47 2.53 -8.67
CA GLN A 9 4.49 1.73 -9.88
C GLN A 9 4.35 2.66 -11.08
N LYS A 10 5.16 2.42 -12.11
CA LYS A 10 5.29 3.35 -13.21
C LYS A 10 3.97 3.55 -13.95
N GLU A 11 3.15 2.51 -14.03
CA GLU A 11 1.88 2.59 -14.74
C GLU A 11 0.91 3.58 -14.08
N ALA A 12 0.82 3.52 -12.75
CA ALA A 12 -0.04 4.43 -12.01
C ALA A 12 0.45 5.88 -12.14
N ALA A 13 1.76 6.06 -11.99
CA ALA A 13 2.34 7.40 -12.03
C ALA A 13 2.15 8.02 -13.40
N THR A 14 2.32 7.22 -14.45
CA THR A 14 2.16 7.70 -15.81
C THR A 14 0.74 8.16 -16.05
N ALA A 15 -0.22 7.40 -15.53
CA ALA A 15 -1.64 7.72 -15.69
C ALA A 15 -2.04 9.04 -15.06
N VAL A 16 -1.64 9.28 -13.82
CA VAL A 16 -2.02 10.52 -13.14
C VAL A 16 -1.28 11.70 -13.75
N ALA A 17 -0.05 11.47 -14.18
CA ALA A 17 0.72 12.54 -14.82
C ALA A 17 0.05 12.96 -16.12
N LYS A 18 -0.52 12.03 -16.87
CA LYS A 18 -1.21 12.38 -18.12
C LYS A 18 -2.53 13.10 -17.90
N ALA A 19 -3.32 12.66 -16.93
CA ALA A 19 -4.57 13.32 -16.61
C ALA A 19 -4.30 14.75 -16.14
N PHE A 20 -3.21 14.92 -15.40
CA PHE A 20 -2.79 16.25 -14.95
C PHE A 20 -2.42 17.13 -16.13
N GLU A 21 -1.56 16.60 -17.00
CA GLU A 21 -1.13 17.31 -18.20
C GLU A 21 -2.28 17.72 -19.11
N GLN A 22 -3.45 17.12 -18.90
CA GLN A 22 -4.63 17.28 -19.73
C GLN A 22 -5.63 18.28 -19.10
N GLU A 23 -5.75 18.26 -17.77
CA GLU A 23 -6.59 19.18 -17.02
C GLU A 23 -5.95 20.57 -16.98
N THR A 24 -4.63 20.61 -17.07
CA THR A 24 -3.84 21.82 -16.81
C THR A 24 -2.88 22.27 -17.92
N GLY A 25 -2.43 21.36 -18.78
CA GLY A 25 -1.40 21.67 -19.77
C GLY A 25 0.03 21.70 -19.22
N ILE A 26 0.19 21.39 -17.95
CA ILE A 26 1.50 21.39 -17.29
C ILE A 26 2.13 20.01 -17.48
N LYS A 27 3.31 19.97 -18.06
CA LYS A 27 4.01 18.70 -18.30
C LYS A 27 4.65 18.19 -17.02
N VAL A 28 4.66 16.88 -16.88
CA VAL A 28 5.26 16.20 -15.77
C VAL A 28 6.36 15.32 -16.32
N THR A 29 7.54 15.43 -15.73
CA THR A 29 8.63 14.51 -15.98
C THR A 29 8.77 13.62 -14.75
N LEU A 30 8.61 12.32 -14.96
CA LEU A 30 8.73 11.34 -13.91
C LEU A 30 10.16 10.83 -13.88
N ASN A 31 10.75 10.86 -12.70
CA ASN A 31 12.04 10.23 -12.42
C ASN A 31 11.78 9.13 -11.41
N SER A 32 11.78 7.91 -11.90
CA SER A 32 11.29 6.79 -11.11
C SER A 32 12.40 6.02 -10.44
N GLY A 33 12.07 5.45 -9.30
CA GLY A 33 13.02 4.67 -8.53
C GLY A 33 12.33 4.10 -7.31
N LYS A 34 13.10 3.49 -6.43
CA LYS A 34 12.59 3.00 -5.17
C LYS A 34 12.39 4.17 -4.24
N SER A 35 11.27 4.20 -3.52
CA SER A 35 10.96 5.33 -2.66
C SER A 35 12.04 5.57 -1.62
N GLU A 36 12.60 4.53 -1.03
CA GLU A 36 13.62 4.73 -0.01
C GLU A 36 14.86 5.38 -0.61
N GLN A 37 15.25 4.96 -1.81
CA GLN A 37 16.37 5.56 -2.52
C GLN A 37 16.10 7.01 -2.89
N LEU A 38 14.91 7.26 -3.41
CA LEU A 38 14.53 8.60 -3.81
C LEU A 38 14.50 9.53 -2.63
N ALA A 39 14.01 9.05 -1.49
CA ALA A 39 13.99 9.85 -0.27
C ALA A 39 15.40 10.18 0.15
N GLY A 40 16.29 9.21 0.08
CA GLY A 40 17.69 9.44 0.39
C GLY A 40 18.28 10.49 -0.53
N GLN A 41 17.94 10.40 -1.81
CA GLN A 41 18.46 11.33 -2.79
C GLN A 41 17.94 12.75 -2.53
N LEU A 42 16.66 12.87 -2.17
CA LEU A 42 16.07 14.17 -1.87
C LEU A 42 16.74 14.80 -0.66
N LYS A 43 17.11 13.98 0.32
CA LYS A 43 17.78 14.47 1.51
C LYS A 43 19.18 14.94 1.18
N GLU A 44 19.88 14.18 0.36
CA GLU A 44 21.23 14.51 -0.02
C GLU A 44 21.25 15.78 -0.88
N GLU A 45 20.30 15.88 -1.79
CA GLU A 45 20.23 17.02 -2.68
C GLU A 45 19.83 18.27 -1.90
N GLY A 46 18.98 18.10 -0.89
CA GLY A 46 18.59 19.19 -0.03
C GLY A 46 18.06 20.39 -0.79
N ASP A 47 18.61 21.57 -0.52
CA ASP A 47 18.13 22.80 -1.13
C ASP A 47 18.46 22.90 -2.64
N LYS A 48 19.23 21.94 -3.17
CA LYS A 48 19.58 21.90 -4.58
C LYS A 48 18.80 20.85 -5.39
N THR A 49 17.81 20.20 -4.79
CA THR A 49 17.10 19.19 -5.54
C THR A 49 16.34 19.81 -6.71
N PRO A 50 16.30 19.12 -7.85
CA PRO A 50 15.44 19.52 -8.96
C PRO A 50 14.02 18.96 -8.83
N ALA A 51 13.75 18.15 -7.82
CA ALA A 51 12.42 17.58 -7.65
C ALA A 51 11.44 18.64 -7.18
N ASP A 52 10.26 18.66 -7.80
CA ASP A 52 9.17 19.48 -7.32
C ASP A 52 8.26 18.70 -6.38
N VAL A 53 7.99 17.45 -6.73
CA VAL A 53 7.09 16.59 -5.99
C VAL A 53 7.73 15.22 -5.83
N PHE A 54 7.45 14.58 -4.70
CA PHE A 54 7.79 13.20 -4.46
C PHE A 54 6.47 12.44 -4.34
N TYR A 55 6.27 11.51 -5.25
CA TYR A 55 5.08 10.68 -5.35
C TYR A 55 5.51 9.28 -4.98
N THR A 56 4.86 8.70 -3.97
CA THR A 56 5.32 7.45 -3.39
C THR A 56 4.16 6.50 -3.19
N GLU A 57 4.50 5.22 -3.20
CA GLU A 57 3.59 4.16 -2.79
C GLU A 57 3.51 4.00 -1.28
N GLN A 58 4.38 4.69 -0.54
CA GLN A 58 4.50 4.44 0.88
C GLN A 58 4.74 5.77 1.60
N THR A 59 3.70 6.31 2.22
CA THR A 59 3.80 7.58 2.92
C THR A 59 4.81 7.53 4.07
N ALA A 60 5.13 6.34 4.56
CA ALA A 60 6.16 6.21 5.58
C ALA A 60 7.50 6.80 5.12
N THR A 61 7.75 6.80 3.81
CA THR A 61 9.01 7.34 3.30
C THR A 61 9.09 8.85 3.38
N PHE A 62 7.98 9.52 3.69
CA PHE A 62 7.99 10.96 3.88
C PHE A 62 8.55 11.36 5.23
N ALA A 63 8.51 10.47 6.22
CA ALA A 63 8.87 10.85 7.58
C ALA A 63 10.30 11.43 7.70
N ASP A 64 11.30 10.79 7.11
CA ASP A 64 12.69 11.28 7.15
C ASP A 64 12.79 12.66 6.52
N LEU A 65 12.06 12.86 5.43
CA LEU A 65 12.08 14.13 4.72
C LEU A 65 11.41 15.24 5.50
N SER A 66 10.27 14.92 6.10
CA SER A 66 9.57 15.89 6.92
C SER A 66 10.45 16.28 8.11
N GLU A 67 11.12 15.28 8.69
CA GLU A 67 11.96 15.46 9.88
C GLU A 67 13.19 16.30 9.57
N ALA A 68 13.61 16.28 8.31
CA ALA A 68 14.70 17.11 7.84
C ALA A 68 14.23 18.48 7.35
N GLY A 69 12.95 18.78 7.46
CA GLY A 69 12.40 20.06 7.04
C GLY A 69 12.39 20.26 5.54
N LEU A 70 12.27 19.17 4.78
CA LEU A 70 12.45 19.21 3.33
C LEU A 70 11.16 19.27 2.55
N LEU A 71 10.03 19.20 3.25
CA LEU A 71 8.73 19.19 2.60
C LEU A 71 7.97 20.47 2.86
N ALA A 72 7.29 20.96 1.84
CA ALA A 72 6.45 22.14 1.96
C ALA A 72 5.10 21.76 2.53
N PRO A 73 4.42 22.69 3.20
CA PRO A 73 3.03 22.44 3.58
C PRO A 73 2.15 22.33 2.34
N ILE A 74 1.08 21.56 2.48
CA ILE A 74 0.04 21.41 1.49
C ILE A 74 -1.17 22.12 2.05
N SER A 75 -2.02 22.62 1.17
CA SER A 75 -3.25 23.26 1.59
C SER A 75 -4.07 22.34 2.47
N GLU A 76 -4.53 22.89 3.58
CA GLU A 76 -5.48 22.25 4.47
C GLU A 76 -6.66 21.69 3.70
N GLN A 77 -7.13 22.46 2.73
CA GLN A 77 -8.30 22.09 1.96
C GLN A 77 -8.02 20.85 1.09
N THR A 78 -6.80 20.75 0.59
CA THR A 78 -6.40 19.57 -0.16
C THR A 78 -6.26 18.34 0.74
N ILE A 79 -5.60 18.52 1.87
CA ILE A 79 -5.42 17.41 2.82
C ILE A 79 -6.77 16.83 3.21
N GLN A 80 -7.75 17.69 3.38
CA GLN A 80 -9.05 17.22 3.82
C GLN A 80 -9.79 16.38 2.79
N GLN A 81 -9.44 16.50 1.52
CA GLN A 81 -10.10 15.73 0.47
C GLN A 81 -9.94 14.23 0.65
N THR A 82 -8.84 13.80 1.27
CA THR A 82 -8.60 12.38 1.49
C THR A 82 -8.55 11.99 2.96
N ALA A 83 -8.93 12.88 3.86
CA ALA A 83 -8.78 12.65 5.28
C ALA A 83 -9.96 11.86 5.86
N GLN A 84 -10.23 10.69 5.29
CA GLN A 84 -11.21 9.78 5.86
C GLN A 84 -10.67 9.28 7.20
N LYS A 85 -11.57 8.91 8.09
CA LYS A 85 -11.13 8.34 9.35
C LYS A 85 -10.23 7.13 9.09
N GLY A 86 -9.09 7.08 9.76
CA GLY A 86 -8.14 6.01 9.56
C GLY A 86 -6.97 6.41 8.68
N VAL A 87 -7.13 7.42 7.85
CA VAL A 87 -6.09 7.79 6.90
C VAL A 87 -4.99 8.56 7.63
N PRO A 88 -3.73 8.15 7.47
CA PRO A 88 -2.65 8.88 8.11
C PRO A 88 -2.55 10.31 7.63
N LEU A 89 -2.32 11.21 8.59
CA LEU A 89 -2.14 12.62 8.34
C LEU A 89 -0.74 13.04 8.73
N ALA A 90 -0.15 13.89 7.91
CA ALA A 90 1.13 14.51 8.24
C ALA A 90 0.92 15.47 9.39
N PRO A 91 1.61 15.30 10.52
CA PRO A 91 1.49 16.29 11.61
C PRO A 91 1.83 17.72 11.20
N LYS A 92 2.79 17.88 10.28
CA LYS A 92 3.21 19.20 9.80
C LYS A 92 2.46 19.59 8.51
N LYS A 93 1.44 18.82 8.12
CA LYS A 93 0.64 19.11 6.94
C LYS A 93 1.51 19.19 5.69
N ASP A 94 2.56 18.39 5.66
CA ASP A 94 3.58 18.51 4.63
C ASP A 94 3.67 17.28 3.75
N TRP A 95 2.63 16.46 3.75
CA TRP A 95 2.44 15.42 2.75
C TRP A 95 0.99 15.01 2.84
N ILE A 96 0.53 14.23 1.87
CA ILE A 96 -0.84 13.80 1.81
C ILE A 96 -0.93 12.36 1.36
N ALA A 97 -1.75 11.58 2.05
CA ALA A 97 -2.11 10.24 1.65
C ALA A 97 -3.18 10.30 0.57
N LEU A 98 -3.03 9.47 -0.45
CA LEU A 98 -3.90 9.52 -1.62
C LEU A 98 -4.65 8.24 -1.92
N SER A 99 -4.05 7.10 -1.65
CA SER A 99 -4.68 5.83 -1.97
C SER A 99 -4.05 4.75 -1.12
N GLY A 100 -4.63 3.56 -1.13
CA GLY A 100 -4.14 2.49 -0.31
C GLY A 100 -4.16 1.14 -0.97
N ARG A 101 -3.32 0.26 -0.45
CA ARG A 101 -3.31 -1.15 -0.80
C ARG A 101 -3.55 -1.94 0.46
N SER A 102 -4.31 -3.02 0.37
CA SER A 102 -4.69 -3.76 1.56
C SER A 102 -4.13 -5.17 1.55
N ARG A 103 -3.71 -5.63 2.72
CA ARG A 103 -3.55 -7.06 2.93
C ARG A 103 -4.90 -7.73 2.76
N VAL A 104 -4.88 -8.99 2.36
CA VAL A 104 -6.10 -9.74 2.19
C VAL A 104 -5.79 -11.22 2.25
N VAL A 105 -6.81 -12.02 2.45
CA VAL A 105 -6.70 -13.46 2.28
C VAL A 105 -7.45 -13.81 1.02
N VAL A 106 -6.76 -14.44 0.08
CA VAL A 106 -7.41 -14.98 -1.10
C VAL A 106 -7.68 -16.44 -0.82
N TYR A 107 -8.84 -16.93 -1.25
CA TYR A 107 -9.21 -18.30 -1.00
C TYR A 107 -9.95 -18.88 -2.19
N ASP A 108 -9.85 -20.19 -2.31
CA ASP A 108 -10.49 -20.93 -3.38
C ASP A 108 -11.91 -21.20 -2.91
N HIS A 109 -12.87 -20.52 -3.51
CA HIS A 109 -14.26 -20.56 -3.04
C HIS A 109 -14.94 -21.89 -3.32
N THR A 110 -14.31 -22.75 -4.10
CA THR A 110 -14.82 -24.11 -4.29
C THR A 110 -14.38 -25.05 -3.19
N LYS A 111 -13.44 -24.62 -2.35
CA LYS A 111 -12.94 -25.43 -1.25
C LYS A 111 -13.25 -24.85 0.11
N LEU A 112 -13.31 -23.53 0.20
CA LEU A 112 -13.58 -22.83 1.45
C LEU A 112 -14.64 -21.80 1.21
N SER A 113 -15.36 -21.46 2.27
CA SER A 113 -16.26 -20.33 2.21
C SER A 113 -15.84 -19.33 3.25
N GLU A 114 -16.56 -18.21 3.28
CA GLU A 114 -16.24 -17.15 4.23
C GLU A 114 -16.38 -17.65 5.65
N LYS A 115 -17.26 -18.62 5.88
CA LYS A 115 -17.45 -19.15 7.22
C LYS A 115 -16.26 -19.97 7.72
N ASP A 116 -15.41 -20.44 6.80
CA ASP A 116 -14.17 -21.12 7.16
C ASP A 116 -13.03 -20.18 7.46
N MET A 117 -13.18 -18.91 7.13
CA MET A 117 -12.09 -17.96 7.26
C MET A 117 -11.92 -17.57 8.71
N GLU A 118 -10.71 -17.19 9.06
CA GLU A 118 -10.41 -16.71 10.38
C GLU A 118 -10.62 -15.22 10.41
N LYS A 119 -11.16 -14.75 11.52
CA LYS A 119 -11.40 -13.33 11.73
C LYS A 119 -10.16 -12.58 12.18
N SER A 120 -9.09 -13.29 12.58
CA SER A 120 -7.83 -12.64 12.86
C SER A 120 -6.74 -13.26 12.01
N VAL A 121 -5.87 -12.41 11.48
CA VAL A 121 -4.78 -12.90 10.67
C VAL A 121 -3.87 -13.81 11.48
N LEU A 122 -3.82 -13.62 12.79
CA LEU A 122 -2.99 -14.49 13.63
C LEU A 122 -3.39 -15.95 13.53
N ASP A 123 -4.67 -16.19 13.26
CA ASP A 123 -5.18 -17.53 13.35
C ASP A 123 -4.92 -18.37 12.11
N TYR A 124 -4.49 -17.75 11.02
CA TYR A 124 -4.10 -18.53 9.85
C TYR A 124 -2.79 -19.27 10.08
N ALA A 125 -1.98 -18.83 11.03
CA ALA A 125 -0.67 -19.43 11.27
C ALA A 125 -0.74 -20.50 12.35
N THR A 126 -1.80 -21.28 12.32
CA THR A 126 -2.04 -22.26 13.36
C THR A 126 -2.35 -23.60 12.72
N PRO A 127 -2.36 -24.66 13.52
CA PRO A 127 -2.52 -26.01 12.95
C PRO A 127 -3.79 -26.26 12.15
N LYS A 128 -4.88 -25.55 12.41
CA LYS A 128 -6.06 -25.67 11.56
C LYS A 128 -5.70 -25.47 10.09
N TRP A 129 -4.70 -24.63 9.84
CA TRP A 129 -4.34 -24.24 8.48
C TRP A 129 -3.11 -24.96 7.94
N LYS A 130 -2.71 -26.04 8.59
CA LYS A 130 -1.52 -26.77 8.16
C LYS A 130 -1.66 -27.23 6.72
N GLY A 131 -0.71 -26.81 5.89
CA GLY A 131 -0.71 -27.09 4.47
C GLY A 131 -1.75 -26.34 3.67
N LYS A 132 -2.44 -25.39 4.29
CA LYS A 132 -3.62 -24.78 3.69
C LYS A 132 -3.50 -23.29 3.46
N ILE A 133 -2.40 -22.68 3.91
CA ILE A 133 -2.25 -21.23 3.82
C ILE A 133 -0.93 -20.87 3.15
N GLY A 134 -1.02 -20.14 2.05
CA GLY A 134 0.16 -19.64 1.36
C GLY A 134 0.60 -18.31 1.94
N TYR A 135 1.90 -18.06 1.92
CA TYR A 135 2.43 -16.79 2.34
C TYR A 135 3.69 -16.50 1.55
N VAL A 136 4.09 -15.24 1.56
CA VAL A 136 5.17 -14.75 0.71
C VAL A 136 6.10 -13.96 1.61
N SER A 137 7.05 -14.66 2.21
CA SER A 137 7.88 -14.06 3.24
C SER A 137 8.86 -13.02 2.71
N THR A 138 9.11 -13.01 1.39
CA THR A 138 10.01 -12.03 0.79
C THR A 138 9.31 -10.76 0.34
N SER A 139 7.99 -10.70 0.46
CA SER A 139 7.25 -9.58 -0.07
C SER A 139 7.31 -8.36 0.85
N GLY A 140 7.27 -7.19 0.24
CA GLY A 140 7.33 -5.96 1.00
C GLY A 140 6.15 -5.82 1.94
N ALA A 141 4.95 -6.15 1.47
CA ALA A 141 3.76 -6.01 2.30
C ALA A 141 3.74 -7.06 3.40
N PHE A 142 4.35 -8.21 3.18
CA PHE A 142 4.50 -9.19 4.23
C PHE A 142 5.35 -8.59 5.35
N LEU A 143 6.42 -7.92 5.00
CA LEU A 143 7.26 -7.28 5.99
C LEU A 143 6.46 -6.20 6.72
N GLU A 144 5.66 -5.43 6.00
CA GLU A 144 4.81 -4.44 6.64
C GLU A 144 3.86 -5.09 7.63
N GLN A 145 3.35 -6.26 7.27
CA GLN A 145 2.46 -7.00 8.14
C GLN A 145 3.17 -7.40 9.42
N VAL A 146 4.41 -7.85 9.31
CA VAL A 146 5.18 -8.23 10.49
C VAL A 146 5.42 -7.02 11.37
N VAL A 147 5.77 -5.90 10.77
CA VAL A 147 5.95 -4.68 11.52
C VAL A 147 4.67 -4.32 12.28
N ALA A 148 3.54 -4.39 11.59
CA ALA A 148 2.26 -4.06 12.21
C ALA A 148 1.94 -5.00 13.35
N LEU A 149 2.20 -6.28 13.17
CA LEU A 149 1.95 -7.23 14.25
C LEU A 149 2.81 -6.93 15.47
N SER A 150 4.08 -6.61 15.23
CA SER A 150 4.97 -6.28 16.32
C SER A 150 4.47 -5.04 17.07
N LYS A 151 4.03 -4.04 16.34
CA LYS A 151 3.55 -2.81 16.95
C LYS A 151 2.24 -3.00 17.68
N MET A 152 1.33 -3.76 17.09
CA MET A 152 -0.02 -3.88 17.61
C MET A 152 -0.11 -4.93 18.73
N LYS A 153 0.68 -5.98 18.61
CA LYS A 153 0.57 -7.15 19.48
C LYS A 153 1.85 -7.51 20.22
N GLY A 154 2.97 -6.90 19.84
CA GLY A 154 4.26 -7.22 20.45
C GLY A 154 5.03 -8.23 19.63
N ASP A 155 6.33 -8.22 19.83
CA ASP A 155 7.25 -9.06 19.09
C ASP A 155 7.05 -10.53 19.28
N LYS A 156 6.64 -10.94 20.46
CA LYS A 156 6.45 -12.36 20.73
C LYS A 156 5.30 -12.90 19.89
N VAL A 157 4.22 -12.14 19.80
CA VAL A 157 3.09 -12.53 18.97
C VAL A 157 3.51 -12.55 17.51
N ALA A 158 4.26 -11.55 17.08
CA ALA A 158 4.73 -11.52 15.70
C ALA A 158 5.62 -12.70 15.40
N LEU A 159 6.55 -13.01 16.30
CA LEU A 159 7.45 -14.13 16.09
C LEU A 159 6.67 -15.44 16.07
N ASN A 160 5.72 -15.58 16.98
CA ASN A 160 4.90 -16.78 17.02
C ASN A 160 4.12 -16.96 15.73
N TRP A 161 3.62 -15.87 15.16
CA TRP A 161 2.91 -15.93 13.89
C TRP A 161 3.84 -16.42 12.80
N LEU A 162 5.04 -15.87 12.75
CA LEU A 162 6.02 -16.27 11.76
C LEU A 162 6.40 -17.74 11.90
N LYS A 163 6.61 -18.20 13.13
CA LYS A 163 6.90 -19.59 13.35
C LYS A 163 5.72 -20.46 12.96
N GLY A 164 4.52 -19.96 13.17
CA GLY A 164 3.32 -20.67 12.77
C GLY A 164 3.21 -20.80 11.26
N LEU A 165 3.58 -19.75 10.53
CA LEU A 165 3.60 -19.84 9.08
C LEU A 165 4.68 -20.79 8.62
N LYS A 166 5.83 -20.78 9.28
CA LYS A 166 6.89 -21.72 8.93
C LYS A 166 6.38 -23.14 9.03
N GLU A 167 5.70 -23.44 10.12
CA GLU A 167 5.22 -24.79 10.37
C GLU A 167 4.03 -25.18 9.52
N ASN A 168 3.09 -24.25 9.36
CA ASN A 168 1.79 -24.57 8.78
C ASN A 168 1.58 -24.09 7.36
N GLY A 169 2.32 -23.08 6.95
CA GLY A 169 2.07 -22.45 5.67
C GLY A 169 2.88 -23.07 4.54
N LYS A 170 2.51 -22.67 3.33
CA LYS A 170 3.23 -22.99 2.12
C LYS A 170 3.83 -21.70 1.62
N LEU A 171 5.15 -21.68 1.48
CA LEU A 171 5.86 -20.51 1.03
C LEU A 171 5.79 -20.37 -0.48
N TYR A 172 5.46 -19.18 -0.95
CA TYR A 172 5.50 -18.83 -2.35
C TYR A 172 6.44 -17.67 -2.57
N ALA A 173 7.06 -17.65 -3.75
CA ALA A 173 8.09 -16.69 -4.05
C ALA A 173 7.57 -15.27 -4.21
N LYS A 174 6.34 -15.14 -4.68
CA LYS A 174 5.72 -13.86 -4.99
C LYS A 174 4.25 -13.95 -4.74
N ASN A 175 3.62 -12.80 -4.54
CA ASN A 175 2.17 -12.74 -4.40
C ASN A 175 1.47 -13.29 -5.62
N SER A 176 1.97 -12.99 -6.81
CA SER A 176 1.34 -13.48 -8.03
C SER A 176 1.35 -15.01 -8.07
N VAL A 177 2.45 -15.60 -7.62
CA VAL A 177 2.59 -17.05 -7.58
C VAL A 177 1.63 -17.66 -6.58
N ALA A 178 1.50 -17.03 -5.42
CA ALA A 178 0.55 -17.48 -4.41
C ALA A 178 -0.88 -17.42 -4.93
N LEU A 179 -1.20 -16.34 -5.63
CA LEU A 179 -2.54 -16.18 -6.17
C LEU A 179 -2.84 -17.29 -7.17
N GLN A 180 -1.88 -17.58 -8.05
CA GLN A 180 -2.07 -18.63 -9.02
C GLN A 180 -2.16 -20.00 -8.35
N ALA A 181 -1.44 -20.20 -7.26
CA ALA A 181 -1.49 -21.45 -6.53
C ALA A 181 -2.88 -21.68 -5.96
N VAL A 182 -3.54 -20.63 -5.51
CA VAL A 182 -4.90 -20.75 -5.01
C VAL A 182 -5.85 -21.06 -6.16
N GLU A 183 -5.73 -20.30 -7.24
CA GLU A 183 -6.54 -20.52 -8.43
C GLU A 183 -6.39 -21.92 -9.00
N ASN A 184 -5.17 -22.47 -8.94
CA ASN A 184 -4.88 -23.76 -9.55
C ASN A 184 -5.10 -24.94 -8.62
N GLY A 185 -5.53 -24.67 -7.40
CA GLY A 185 -5.87 -25.72 -6.46
C GLY A 185 -4.72 -26.27 -5.65
N GLU A 186 -3.56 -25.64 -5.71
CA GLU A 186 -2.39 -26.10 -4.96
C GLU A 186 -2.53 -25.82 -3.48
N VAL A 187 -3.18 -24.71 -3.13
CA VAL A 187 -3.38 -24.34 -1.74
C VAL A 187 -4.73 -23.64 -1.69
N PRO A 188 -5.54 -23.86 -0.66
CA PRO A 188 -6.86 -23.25 -0.66
C PRO A 188 -6.92 -21.79 -0.26
N ALA A 189 -5.89 -21.24 0.34
CA ALA A 189 -5.89 -19.84 0.73
C ALA A 189 -4.47 -19.31 0.76
N ALA A 190 -4.34 -17.99 0.67
CA ALA A 190 -3.02 -17.36 0.78
C ALA A 190 -3.17 -15.94 1.25
N LEU A 191 -2.13 -15.47 1.89
CA LEU A 191 -2.03 -14.09 2.34
C LEU A 191 -1.35 -13.27 1.26
N ILE A 192 -2.10 -12.36 0.65
CA ILE A 192 -1.55 -11.52 -0.40
C ILE A 192 -2.03 -10.08 -0.21
N ASN A 193 -1.92 -9.27 -1.25
CA ASN A 193 -2.50 -7.95 -1.27
C ASN A 193 -3.68 -7.91 -2.22
N ASN A 194 -4.57 -6.95 -2.02
CA ASN A 194 -5.81 -6.91 -2.77
C ASN A 194 -5.62 -6.80 -4.28
N TYR A 195 -4.66 -5.99 -4.69
CA TYR A 195 -4.63 -5.53 -6.08
C TYR A 195 -4.32 -6.69 -7.04
N TYR A 196 -3.59 -7.71 -6.60
CA TYR A 196 -3.34 -8.86 -7.48
C TYR A 196 -4.65 -9.50 -7.90
N TRP A 197 -5.53 -9.70 -6.93
CA TRP A 197 -6.78 -10.37 -7.22
C TRP A 197 -7.67 -9.49 -8.07
N TYR A 198 -7.81 -8.22 -7.70
CA TYR A 198 -8.67 -7.34 -8.47
C TYR A 198 -8.16 -7.14 -9.90
N ASN A 199 -6.85 -7.16 -10.10
CA ASN A 199 -6.28 -7.12 -11.44
C ASN A 199 -6.69 -8.33 -12.23
N LEU A 200 -6.55 -9.51 -11.62
CA LEU A 200 -6.87 -10.76 -12.28
C LEU A 200 -8.35 -10.82 -12.60
N ALA A 201 -9.20 -10.39 -11.67
CA ALA A 201 -10.64 -10.36 -11.87
C ALA A 201 -11.04 -9.42 -12.99
N LYS A 202 -10.40 -8.25 -13.06
CA LYS A 202 -10.74 -7.28 -14.08
C LYS A 202 -10.39 -7.83 -15.45
N GLU A 203 -9.22 -8.45 -15.55
CA GLU A 203 -8.73 -8.97 -16.82
C GLU A 203 -9.51 -10.18 -17.29
N LYS A 204 -9.75 -11.12 -16.39
CA LYS A 204 -10.31 -12.43 -16.75
C LYS A 204 -11.80 -12.53 -16.51
N GLY A 205 -12.33 -11.66 -15.66
CA GLY A 205 -13.71 -11.73 -15.22
C GLY A 205 -13.82 -12.59 -14.00
N VAL A 206 -14.45 -12.07 -12.95
CA VAL A 206 -14.58 -12.80 -11.70
C VAL A 206 -15.34 -14.10 -11.91
N GLU A 207 -16.26 -14.10 -12.88
CA GLU A 207 -17.02 -15.28 -13.29
C GLU A 207 -16.14 -16.43 -13.80
N ASN A 208 -14.88 -16.14 -14.08
CA ASN A 208 -13.93 -17.13 -14.55
C ASN A 208 -12.85 -17.47 -13.53
N LEU A 209 -13.02 -16.99 -12.29
CA LEU A 209 -12.06 -17.24 -11.21
C LEU A 209 -12.68 -18.11 -10.13
N LYS A 210 -11.88 -19.02 -9.60
CA LYS A 210 -12.28 -19.81 -8.43
C LYS A 210 -12.01 -19.06 -7.14
N SER A 211 -11.10 -18.10 -7.18
CA SER A 211 -10.66 -17.45 -5.96
C SER A 211 -11.54 -16.26 -5.66
N ARG A 212 -11.63 -15.97 -4.37
CA ARG A 212 -12.31 -14.82 -3.84
C ARG A 212 -11.45 -14.25 -2.71
N LEU A 213 -11.84 -13.08 -2.24
CA LEU A 213 -11.12 -12.41 -1.17
C LEU A 213 -11.91 -12.39 0.12
N TYR A 214 -11.18 -12.52 1.22
CA TYR A 214 -11.73 -12.35 2.54
C TYR A 214 -10.94 -11.25 3.24
N PHE A 215 -11.68 -10.25 3.71
CA PHE A 215 -11.12 -9.15 4.47
C PHE A 215 -11.47 -9.32 5.93
N VAL A 216 -10.45 -9.34 6.77
CA VAL A 216 -10.68 -9.55 8.20
C VAL A 216 -11.38 -8.35 8.82
N ARG A 217 -11.03 -7.14 8.40
CA ARG A 217 -11.65 -5.92 8.89
C ARG A 217 -11.44 -5.77 10.41
N HIS A 218 -12.35 -5.02 11.04
CA HIS A 218 -12.36 -4.68 12.47
C HIS A 218 -11.01 -4.32 13.05
N GLN A 219 -10.20 -3.62 12.27
CA GLN A 219 -8.89 -3.15 12.73
C GLN A 219 -7.96 -4.27 13.19
N ASP A 220 -8.20 -5.47 12.70
CA ASP A 220 -7.28 -6.56 12.90
C ASP A 220 -5.95 -6.19 12.25
N PRO A 221 -4.82 -6.67 12.75
CA PRO A 221 -3.56 -6.45 12.03
C PRO A 221 -3.62 -6.87 10.56
N GLY A 222 -4.41 -7.88 10.24
CA GLY A 222 -4.53 -8.33 8.87
C GLY A 222 -5.34 -7.44 7.96
N ALA A 223 -5.92 -6.38 8.51
CA ALA A 223 -6.60 -5.36 7.73
C ALA A 223 -5.68 -4.21 7.35
N LEU A 224 -4.38 -4.41 7.56
CA LEU A 224 -3.38 -3.40 7.27
C LEU A 224 -3.48 -2.85 5.86
N VAL A 225 -3.51 -1.52 5.79
CA VAL A 225 -3.43 -0.79 4.55
C VAL A 225 -2.12 -0.02 4.51
N SER A 226 -1.48 -0.08 3.35
CA SER A 226 -0.30 0.69 3.07
C SER A 226 -0.70 1.84 2.15
N TYR A 227 -0.27 3.05 2.47
CA TYR A 227 -0.78 4.25 1.83
C TYR A 227 0.22 4.89 0.90
N SER A 228 -0.22 5.15 -0.32
CA SER A 228 0.49 5.97 -1.28
C SER A 228 0.20 7.44 -0.99
N GLY A 229 1.08 8.31 -1.43
CA GLY A 229 0.86 9.72 -1.23
C GLY A 229 1.83 10.59 -1.98
N ALA A 230 1.78 11.88 -1.68
CA ALA A 230 2.59 12.86 -2.38
C ALA A 230 3.01 13.96 -1.44
N ALA A 231 4.11 14.60 -1.80
CA ALA A 231 4.64 15.75 -1.07
C ALA A 231 5.30 16.69 -2.04
N VAL A 232 5.25 17.97 -1.72
CA VAL A 232 5.96 19.02 -2.42
C VAL A 232 7.29 19.26 -1.72
N LEU A 233 8.36 19.36 -2.49
CA LEU A 233 9.65 19.68 -1.88
C LEU A 233 9.70 21.14 -1.53
N LYS A 234 10.15 21.42 -0.31
CA LYS A 234 10.24 22.80 0.17
C LYS A 234 11.17 23.61 -0.72
N ALA A 235 12.18 22.95 -1.25
CA ALA A 235 13.17 23.61 -2.09
C ALA A 235 12.71 23.88 -3.51
N SER A 236 11.58 23.34 -3.91
CA SER A 236 11.10 23.58 -5.26
C SER A 236 10.94 25.06 -5.51
N LYS A 237 11.45 25.50 -6.66
CA LYS A 237 11.26 26.85 -7.16
C LYS A 237 10.07 26.93 -8.10
N ASN A 238 9.19 25.95 -8.01
CA ASN A 238 7.95 25.96 -8.74
C ASN A 238 6.87 25.43 -7.82
N GLN A 239 6.75 26.11 -6.69
CA GLN A 239 5.75 25.75 -5.71
C GLN A 239 4.36 25.75 -6.31
N ALA A 240 4.06 26.74 -7.14
CA ALA A 240 2.70 26.88 -7.63
C ALA A 240 2.29 25.65 -8.44
N GLU A 241 3.13 25.19 -9.34
CA GLU A 241 2.77 24.02 -10.12
C GLU A 241 2.90 22.72 -9.33
N ALA A 242 3.85 22.66 -8.41
CA ALA A 242 4.00 21.48 -7.56
C ALA A 242 2.74 21.28 -6.73
N GLN A 243 2.25 22.36 -6.13
CA GLN A 243 1.03 22.34 -5.34
C GLN A 243 -0.16 22.03 -6.23
N LYS A 244 -0.18 22.57 -7.43
CA LYS A 244 -1.27 22.26 -8.36
C LYS A 244 -1.33 20.77 -8.65
N PHE A 245 -0.18 20.14 -8.80
CA PHE A 245 -0.14 18.71 -9.05
C PHE A 245 -0.65 17.92 -7.86
N VAL A 246 -0.20 18.24 -6.67
CA VAL A 246 -0.67 17.53 -5.49
C VAL A 246 -2.17 17.76 -5.30
N ASP A 247 -2.63 18.98 -5.50
CA ASP A 247 -4.07 19.27 -5.45
C ASP A 247 -4.81 18.40 -6.46
N PHE A 248 -4.25 18.26 -7.65
CA PHE A 248 -4.87 17.45 -8.67
C PHE A 248 -4.96 15.99 -8.23
N LEU A 249 -3.90 15.49 -7.61
CA LEU A 249 -3.89 14.09 -7.18
C LEU A 249 -4.98 13.80 -6.16
N ALA A 250 -5.35 14.80 -5.37
CA ALA A 250 -6.39 14.65 -4.35
C ALA A 250 -7.77 15.00 -4.88
N SER A 251 -7.84 15.55 -6.09
CA SER A 251 -9.10 15.93 -6.70
C SER A 251 -9.83 14.70 -7.20
N LYS A 252 -11.13 14.86 -7.38
CA LYS A 252 -11.96 13.80 -7.92
C LYS A 252 -11.35 13.28 -9.22
N LYS A 253 -10.96 14.19 -10.10
CA LYS A 253 -10.36 13.82 -11.37
C LYS A 253 -9.03 13.05 -11.24
N GLY A 254 -8.16 13.51 -10.36
CA GLY A 254 -6.88 12.85 -10.17
C GLY A 254 -7.02 11.47 -9.55
N GLN A 255 -7.98 11.35 -8.64
CA GLN A 255 -8.26 10.07 -8.00
C GLN A 255 -8.86 9.10 -9.01
N GLU A 256 -9.74 9.60 -9.87
CA GLU A 256 -10.32 8.78 -10.92
C GLU A 256 -9.25 8.24 -11.85
N ALA A 257 -8.25 9.07 -12.14
CA ALA A 257 -7.16 8.65 -13.01
C ALA A 257 -6.33 7.54 -12.34
N LEU A 258 -6.04 7.70 -11.06
CA LEU A 258 -5.27 6.71 -10.32
C LEU A 258 -6.01 5.38 -10.29
N VAL A 259 -7.28 5.39 -9.92
CA VAL A 259 -8.00 4.13 -9.72
C VAL A 259 -8.26 3.38 -11.01
N ALA A 260 -8.28 4.08 -12.14
CA ALA A 260 -8.40 3.41 -13.43
C ALA A 260 -7.13 2.69 -13.78
N ALA A 261 -6.00 3.19 -13.27
CA ALA A 261 -4.70 2.65 -13.62
C ALA A 261 -4.22 1.53 -12.70
N ARG A 262 -4.65 1.54 -11.44
CA ARG A 262 -4.14 0.59 -10.45
C ARG A 262 -5.22 0.35 -9.43
N ALA A 263 -5.32 -0.88 -8.95
CA ALA A 263 -6.34 -1.30 -8.01
C ALA A 263 -6.01 -0.90 -6.56
N GLU A 264 -5.69 0.37 -6.38
CA GLU A 264 -5.58 0.95 -5.05
C GLU A 264 -6.91 1.57 -4.68
N TYR A 265 -7.18 1.61 -3.38
CA TYR A 265 -8.36 2.22 -2.84
C TYR A 265 -8.19 3.72 -2.90
N PRO A 266 -9.11 4.44 -3.53
CA PRO A 266 -9.06 5.89 -3.47
C PRO A 266 -9.43 6.32 -2.08
N LEU A 267 -8.89 7.46 -1.65
CA LEU A 267 -9.19 7.98 -0.33
C LEU A 267 -10.19 9.12 -0.35
N ARG A 268 -10.51 9.64 -1.53
CA ARG A 268 -11.72 10.44 -1.66
C ARG A 268 -12.90 9.51 -1.45
N ALA A 269 -14.02 10.07 -0.98
CA ALA A 269 -15.23 9.28 -0.71
C ALA A 269 -16.23 9.37 -1.86
N ASP A 270 -15.87 10.03 -2.95
CA ASP A 270 -16.78 10.22 -4.08
C ASP A 270 -16.20 9.66 -5.38
N VAL A 271 -15.26 8.72 -5.23
CA VAL A 271 -14.64 8.07 -6.37
C VAL A 271 -14.81 6.57 -6.24
N VAL A 272 -15.34 5.94 -7.28
CA VAL A 272 -15.44 4.49 -7.30
C VAL A 272 -14.46 3.91 -8.30
N SER A 273 -13.81 2.83 -7.88
CA SER A 273 -12.79 2.19 -8.70
C SER A 273 -13.41 1.29 -9.75
N PRO A 274 -12.91 1.34 -10.98
CA PRO A 274 -13.37 0.40 -12.02
C PRO A 274 -12.92 -1.04 -11.75
N PHE A 275 -12.01 -1.25 -10.79
CA PHE A 275 -11.67 -2.59 -10.34
C PHE A 275 -12.69 -3.18 -9.39
N ASN A 276 -13.69 -2.40 -9.02
CA ASN A 276 -14.78 -2.86 -8.16
C ASN A 276 -14.33 -3.12 -6.72
N LEU A 277 -13.45 -2.27 -6.23
CA LEU A 277 -13.03 -2.28 -4.83
C LEU A 277 -14.15 -1.82 -3.95
N GLU A 278 -14.17 -2.33 -2.73
CA GLU A 278 -15.06 -1.78 -1.71
C GLU A 278 -14.55 -0.41 -1.28
N PRO A 279 -15.41 0.40 -0.69
CA PRO A 279 -14.96 1.69 -0.16
C PRO A 279 -13.92 1.48 0.94
N TYR A 280 -12.93 2.37 0.96
CA TYR A 280 -11.86 2.33 1.94
C TYR A 280 -12.39 2.16 3.37
N GLU A 281 -13.44 2.89 3.72
CA GLU A 281 -13.93 2.85 5.10
C GLU A 281 -14.36 1.45 5.52
N LYS A 282 -14.81 0.66 4.56
CA LYS A 282 -15.30 -0.69 4.85
C LYS A 282 -14.18 -1.64 5.22
N LEU A 283 -12.95 -1.30 4.87
CA LEU A 283 -11.80 -2.15 5.19
C LEU A 283 -11.54 -2.20 6.68
N GLU A 284 -11.87 -1.13 7.39
CA GLU A 284 -11.62 -1.02 8.81
C GLU A 284 -10.15 -1.28 9.11
N ALA A 285 -9.29 -0.57 8.40
CA ALA A 285 -7.85 -0.73 8.56
C ALA A 285 -7.45 -0.30 9.97
N PRO A 286 -6.47 -0.97 10.55
CA PRO A 286 -5.94 -0.51 11.83
C PRO A 286 -5.13 0.76 11.63
N VAL A 287 -4.99 1.50 12.70
CA VAL A 287 -4.13 2.65 12.75
C VAL A 287 -2.79 2.19 13.27
N VAL A 288 -1.76 2.35 12.45
CA VAL A 288 -0.43 1.85 12.74
C VAL A 288 0.54 2.98 12.43
N SER A 289 1.52 3.20 13.28
CA SER A 289 2.54 4.17 12.99
C SER A 289 3.30 3.78 11.72
N ALA A 290 3.89 4.77 11.10
CA ALA A 290 4.64 4.55 9.88
C ALA A 290 5.82 3.62 10.10
N THR A 291 6.08 2.78 9.11
CA THR A 291 7.22 1.91 9.12
C THR A 291 8.51 2.70 8.95
N THR A 292 9.46 2.44 9.83
CA THR A 292 10.80 3.03 9.72
C THR A 292 11.79 1.98 9.27
N ALA A 293 12.98 2.43 8.92
CA ALA A 293 14.05 1.51 8.60
C ALA A 293 14.33 0.59 9.79
N GLN A 294 14.33 1.15 10.99
CA GLN A 294 14.55 0.35 12.20
C GLN A 294 13.47 -0.72 12.35
N ASP A 295 12.22 -0.35 12.08
CA ASP A 295 11.13 -1.31 12.15
C ASP A 295 11.38 -2.45 11.20
N LYS A 296 11.79 -2.13 9.99
CA LYS A 296 12.04 -3.16 8.99
C LYS A 296 13.19 -4.07 9.42
N GLU A 297 14.25 -3.49 9.95
CA GLU A 297 15.39 -4.28 10.40
C GLU A 297 14.96 -5.25 11.49
N HIS A 298 14.10 -4.80 12.39
CA HIS A 298 13.62 -5.67 13.44
C HIS A 298 12.75 -6.78 12.89
N ALA A 299 11.88 -6.45 11.94
CA ALA A 299 10.99 -7.45 11.35
C ALA A 299 11.79 -8.49 10.56
N ILE A 300 12.82 -8.04 9.85
CA ILE A 300 13.70 -8.96 9.14
C ILE A 300 14.36 -9.92 10.11
N LYS A 301 14.79 -9.41 11.26
CA LYS A 301 15.38 -10.25 12.28
C LYS A 301 14.39 -11.30 12.79
N LEU A 302 13.13 -10.91 12.97
CA LEU A 302 12.12 -11.87 13.39
C LEU A 302 11.88 -12.94 12.33
N ILE A 303 11.86 -12.55 11.07
CA ILE A 303 11.68 -13.51 9.98
C ILE A 303 12.82 -14.53 10.01
N GLU A 304 14.04 -14.07 10.25
CA GLU A 304 15.19 -14.96 10.32
C GLU A 304 15.09 -15.86 11.54
N GLU A 305 14.70 -15.30 12.68
CA GLU A 305 14.57 -16.07 13.91
C GLU A 305 13.55 -17.17 13.75
N ALA A 306 12.51 -16.90 12.95
CA ALA A 306 11.44 -17.88 12.72
C ALA A 306 11.86 -18.99 11.76
N GLY A 307 13.02 -18.89 11.13
CA GLY A 307 13.49 -19.91 10.21
C GLY A 307 13.09 -19.64 8.76
N LEU A 308 12.61 -18.44 8.50
CA LEU A 308 12.18 -18.04 7.16
C LEU A 308 13.28 -17.23 6.44
#